data_9DXL
#
_entry.id   9DXL
#
_cell.length_a   38.529
_cell.length_b   54.818
_cell.length_c   83.513
_cell.angle_alpha   90.000
_cell.angle_beta   103.263
_cell.angle_gamma   90.000
#
_symmetry.space_group_name_H-M   'P 1 21 1'
#
loop_
_entity.id
_entity.type
_entity.pdbx_description
1 polymer 'RhoBAST aptamer'
2 non-polymer 'BARIUM ION'
3 non-polymer '3-[3-(dimethylamino)-6-(dimethyl-$l^{4}-azanylidene)xanthen-9-yl]-4-(dimethylsulfamoylcarbamoyl)benzoic acid'
4 water water
#
_entity_poly.entity_id   1
_entity_poly.type   'polyribonucleotide'
_entity_poly.pdbx_seq_one_letter_code
;GGACUCGGAAACGUGAAGGAGAGGCGCAAGGUUAACCGCCUCAGUCCA
;
_entity_poly.pdbx_strand_id   A,B
#
loop_
_chem_comp.id
_chem_comp.type
_chem_comp.name
_chem_comp.formula
A RNA linking ADENOSINE-5'-MONOPHOSPHATE 'C10 H14 N5 O7 P'
A1BC9 non-polymer '3-[3-(dimethylamino)-6-(dimethyl-$l^{4}-azanylidene)xanthen-9-yl]-4-(dimethylsulfamoylcarbamoyl)benzoic acid' 'C27 H29 N4 O6 S'
BA non-polymer 'BARIUM ION' 'Ba 2'
C RNA linking CYTIDINE-5'-MONOPHOSPHATE 'C9 H14 N3 O8 P'
G RNA linking GUANOSINE-5'-MONOPHOSPHATE 'C10 H14 N5 O8 P'
U RNA linking URIDINE-5'-MONOPHOSPHATE 'C9 H13 N2 O9 P'
#
# COMPACT_ATOMS: atom_id res chain seq x y z
BA BA C . -0.66 -9.97 -3.47
BA BA D . 2.13 -13.45 -11.50
BA BA E . 4.65 -10.42 13.16
BA BA F . 7.65 4.63 0.40
BA BA G . 18.92 -5.36 -13.28
BA BA H . 8.33 -16.74 -27.24
N1 A1BC9 I . -4.48 3.42 2.34
N A1BC9 I . -4.15 1.06 1.52
C A1BC9 I . -4.89 3.69 0.91
O A1BC9 I . -3.21 1.63 3.85
C1 A1BC9 I . -3.22 4.17 2.72
C12 A1BC9 I . -1.13 -1.14 1.05
C13 A1BC9 I . -0.46 -2.05 1.83
C14 A1BC9 I . -0.67 0.27 1.09
C15 A1BC9 I . 0.69 -1.60 2.65
C16 A1BC9 I . 0.42 0.63 1.88
C17 A1BC9 I . -2.28 -1.55 0.23
C18 A1BC9 I . -0.81 -3.47 1.89
C19 A1BC9 I . -1.30 1.26 0.33
C1A A1BC9 I . 1.38 -2.46 3.41
C1B A1BC9 I . 0.87 1.96 1.93
C1C A1BC9 I . 1.01 -3.90 3.47
C1D A1BC9 I . 0.23 2.94 1.16
C1E A1BC9 I . -3.57 -1.16 0.59
C1F A1BC9 I . -0.14 -4.35 2.65
C1G A1BC9 I . -0.86 2.59 0.37
C1H A1BC9 I . -2.07 -2.30 -0.92
C1I A1BC9 I . -3.17 -2.67 -1.71
C1K A1BC9 I . -4.45 -2.30 -1.35
C1L A1BC9 I . -4.65 -1.54 -0.20
C1M A1BC9 I . 2.82 -4.26 5.03
C1N A1BC9 I . 1.32 -6.17 4.27
C1O A1BC9 I . -3.82 -0.36 1.78
C1P A1BC9 I . 0.09 5.28 0.32
C1Q A1BC9 I . 1.71 4.67 2.14
C1R A1BC9 I . -2.96 -3.48 -2.92
N12 A1BC9 I . 1.67 -4.72 4.21
N13 A1BC9 I . 0.67 4.28 1.21
O1 A1BC9 I . -5.97 1.54 3.33
O12 A1BC9 I . 1.09 -0.27 2.65
O13 A1BC9 I . -3.79 -0.76 2.94
O14 A1BC9 I . -2.26 -4.56 -2.84
O15 A1BC9 I . -3.46 -3.08 -4.04
S A1BC9 I . -4.42 1.98 2.64
H124 A1BC9 I . -5.86 3.22 0.71
H12 A1BC9 I . -4.15 3.28 0.23
H1 A1BC9 I . -4.98 4.76 0.76
H125 A1BC9 I . -3.21 4.37 3.80
H123 A1BC9 I . -3.16 5.11 2.19
H A1BC9 I . -2.33 3.57 2.47
H126 A1BC9 I . -1.64 -3.85 1.31
H127 A1BC9 I . -2.15 1.04 -0.30
H128 A1BC9 I . 2.21 -2.08 4.00
H129 A1BC9 I . 1.72 2.19 2.56
H12A A1BC9 I . -0.45 -5.38 2.64
H12B A1BC9 I . -1.40 3.30 -0.24
H12C A1BC9 I . -1.06 -2.59 -1.20
H12E A1BC9 I . -5.32 -2.57 -1.94
H12D A1BC9 I . -5.67 -1.25 0.06
H12G A1BC9 I . 3.25 -5.11 5.55
H12F A1BC9 I . 2.47 -3.51 5.75
H12H A1BC9 I . 3.57 -3.81 4.37
H12L A1BC9 I . 2.08 -6.72 4.84
H12K A1BC9 I . 1.26 -6.58 3.27
H12I A1BC9 I . 0.36 -6.29 4.78
H12O A1BC9 I . 0.77 6.13 0.20
H12M A1BC9 I . -0.86 5.65 0.72
H12N A1BC9 I . -0.10 4.86 -0.67
H12P A1BC9 I . 2.63 4.12 1.97
H12R A1BC9 I . 1.94 5.74 2.04
H12Q A1BC9 I . 1.39 4.50 3.17
BA BA J . 5.50 21.96 -13.76
BA BA K . 8.42 7.11 -40.99
BA BA L . 21.98 26.94 -8.79
#